data_1NKP
#
_entry.id   1NKP
#
_cell.length_a   39.244
_cell.length_b   45.128
_cell.length_c   86.484
_cell.angle_alpha   87.91
_cell.angle_beta   84.61
_cell.angle_gamma   71.50
#
_symmetry.space_group_name_H-M   'P 1'
#
loop_
_entity.id
_entity.type
_entity.pdbx_description
1 polymer "5'-D(*CP*GP*AP*GP*TP*AP*GP*CP*AP*CP*GP*TP*GP*CP*TP*AP*CP*TP*C)-3'"
2 polymer 'Myc proto-oncogene protein'
3 polymer 'Max protein'
4 water water
#
loop_
_entity_poly.entity_id
_entity_poly.type
_entity_poly.pdbx_seq_one_letter_code
_entity_poly.pdbx_strand_id
1 'polydeoxyribonucleotide' (DC)(DG)(DA)(DG)(DT)(DA)(DG)(DC)(DA)(DC)(DG)(DT)(DG)(DC)(DT)(DA)(DC)(DT)(DC) F,G,H,J
2 'polypeptide(L)'
;GHMNVKRRTHNVLERQRRNELKRSFFALRDQIPELENNEKAPKVVILKKATAYILSVQAEEQKLISEEDLLRKRREQLKH
KLEQLGGC
;
A,D
3 'polypeptide(L)'
;DKRAHHNALERKRRDHIKDSFHSLRDSVPSLQGEKASRAQILDKATEYIQYMRRKNHTHQQDIDDLKRQNALLEQQVRAL
GGC
;
B,E
#
loop_
_chem_comp.id
_chem_comp.type
_chem_comp.name
_chem_comp.formula
DA DNA linking 2'-DEOXYADENOSINE-5'-MONOPHOSPHATE 'C10 H14 N5 O6 P'
DC DNA linking 2'-DEOXYCYTIDINE-5'-MONOPHOSPHATE 'C9 H14 N3 O7 P'
DG DNA linking 2'-DEOXYGUANOSINE-5'-MONOPHOSPHATE 'C10 H14 N5 O7 P'
DT DNA linking THYMIDINE-5'-MONOPHOSPHATE 'C10 H15 N2 O8 P'
#
# COMPACT_ATOMS: atom_id res chain seq x y z
N GLY E 1 -60.36 -26.15 22.38
CA GLY E 1 -59.49 -26.40 23.57
C GLY E 1 -58.08 -25.91 23.33
N HIS E 2 -57.24 -26.01 24.36
CA HIS E 2 -55.87 -25.56 24.26
C HIS E 2 -55.09 -26.21 23.12
N MET E 3 -55.30 -27.50 22.93
CA MET E 3 -54.61 -28.20 21.85
C MET E 3 -54.92 -27.56 20.51
N ASN E 4 -56.16 -27.13 20.32
CA ASN E 4 -56.56 -26.50 19.06
C ASN E 4 -55.93 -25.12 18.93
N VAL E 5 -55.83 -24.40 20.06
CA VAL E 5 -55.21 -23.07 20.04
C VAL E 5 -53.73 -23.23 19.69
N LYS E 6 -53.07 -24.21 20.32
CA LYS E 6 -51.65 -24.46 20.06
C LYS E 6 -51.42 -24.83 18.61
N ARG E 7 -52.30 -25.65 18.05
CA ARG E 7 -52.20 -26.08 16.65
C ARG E 7 -52.24 -24.84 15.75
N ARG E 8 -53.21 -23.98 16.00
CA ARG E 8 -53.37 -22.77 15.20
C ARG E 8 -52.18 -21.83 15.36
N THR E 9 -51.62 -21.74 16.56
CA THR E 9 -50.49 -20.87 16.76
C THR E 9 -49.30 -21.40 15.96
N HIS E 10 -49.13 -22.72 16.00
CA HIS E 10 -48.05 -23.37 15.27
C HIS E 10 -48.14 -23.09 13.77
N ASN E 11 -49.33 -23.21 13.23
CA ASN E 11 -49.56 -23.00 11.81
C ASN E 11 -49.22 -21.56 11.39
N VAL E 12 -49.72 -20.60 12.17
CA VAL E 12 -49.48 -19.20 11.87
C VAL E 12 -48.03 -18.76 12.06
N LEU E 13 -47.36 -19.25 13.10
CA LEU E 13 -45.97 -18.86 13.33
C LEU E 13 -45.04 -19.45 12.27
N GLU E 14 -45.29 -20.70 11.92
CA GLU E 14 -44.48 -21.39 10.92
C GLU E 14 -44.70 -20.76 9.53
N ARG E 15 -45.93 -20.35 9.25
CA ARG E 15 -46.25 -19.72 7.97
C ARG E 15 -45.46 -18.42 7.85
N GLN E 16 -45.45 -17.66 8.93
CA GLN E 16 -44.71 -16.40 8.96
C GLN E 16 -43.23 -16.67 8.81
N ARG E 17 -42.75 -17.71 9.47
CA ARG E 17 -41.33 -18.04 9.39
C ARG E 17 -40.96 -18.35 7.94
N ARG E 18 -41.81 -19.13 7.26
CA ARG E 18 -41.55 -19.45 5.85
C ARG E 18 -41.44 -18.16 5.09
N ASN E 19 -42.41 -17.27 5.29
CA ASN E 19 -42.42 -15.99 4.60
C ASN E 19 -41.15 -15.20 4.80
N GLU E 20 -40.64 -15.14 6.03
CA GLU E 20 -39.42 -14.42 6.28
C GLU E 20 -38.24 -15.11 5.59
N LEU E 21 -38.23 -16.44 5.62
CA LEU E 21 -37.15 -17.16 4.95
C LEU E 21 -37.14 -16.84 3.45
N LYS E 22 -38.32 -16.77 2.85
CA LYS E 22 -38.40 -16.46 1.42
C LYS E 22 -37.81 -15.06 1.18
N ARG E 23 -38.04 -14.15 2.11
CA ARG E 23 -37.53 -12.78 2.02
C ARG E 23 -36.01 -12.84 1.99
N SER E 24 -35.45 -13.61 2.91
CA SER E 24 -34.00 -13.76 2.97
C SER E 24 -33.48 -14.37 1.67
N PHE E 25 -34.18 -15.36 1.11
CA PHE E 25 -33.71 -15.95 -0.15
C PHE E 25 -33.67 -14.88 -1.25
N PHE E 26 -34.76 -14.11 -1.40
CA PHE E 26 -34.80 -13.07 -2.43
C PHE E 26 -33.70 -12.04 -2.26
N ALA E 27 -33.44 -11.66 -1.01
CA ALA E 27 -32.41 -10.68 -0.72
C ALA E 27 -31.05 -11.19 -1.19
N LEU E 28 -30.76 -12.46 -0.94
CA LEU E 28 -29.50 -13.06 -1.33
C LEU E 28 -29.44 -13.16 -2.85
N ARG E 29 -30.53 -13.62 -3.46
CA ARG E 29 -30.57 -13.75 -4.92
C ARG E 29 -30.22 -12.42 -5.60
N ASP E 30 -30.70 -11.33 -5.02
CA ASP E 30 -30.47 -9.99 -5.56
C ASP E 30 -29.02 -9.55 -5.50
N GLN E 31 -28.19 -10.30 -4.80
CA GLN E 31 -26.78 -9.95 -4.67
C GLN E 31 -25.90 -10.76 -5.61
N ILE E 32 -26.50 -11.68 -6.36
CA ILE E 32 -25.74 -12.52 -7.27
C ILE E 32 -25.91 -12.06 -8.72
N PRO E 33 -24.83 -11.53 -9.34
CA PRO E 33 -24.90 -11.06 -10.72
C PRO E 33 -25.58 -12.05 -11.67
N GLU E 34 -25.14 -13.30 -11.61
CA GLU E 34 -25.66 -14.36 -12.46
C GLU E 34 -27.17 -14.58 -12.39
N LEU E 35 -27.81 -14.07 -11.34
CA LEU E 35 -29.25 -14.23 -11.17
C LEU E 35 -30.03 -12.95 -11.46
N GLU E 36 -29.38 -12.02 -12.15
CA GLU E 36 -29.97 -10.73 -12.49
C GLU E 36 -31.44 -10.73 -12.96
N ASN E 37 -31.75 -11.52 -13.98
CA ASN E 37 -33.12 -11.60 -14.50
C ASN E 37 -33.70 -12.98 -14.28
N ASN E 38 -33.52 -13.51 -13.09
CA ASN E 38 -34.02 -14.84 -12.76
C ASN E 38 -34.60 -14.79 -11.36
N GLU E 39 -35.65 -13.99 -11.19
CA GLU E 39 -36.30 -13.83 -9.89
C GLU E 39 -37.00 -15.10 -9.43
N LYS E 40 -37.24 -16.02 -10.35
CA LYS E 40 -37.91 -17.28 -10.00
C LYS E 40 -36.92 -18.42 -9.77
N ALA E 41 -35.63 -18.10 -9.70
CA ALA E 41 -34.62 -19.12 -9.47
C ALA E 41 -35.01 -19.94 -8.24
N PRO E 42 -35.03 -21.28 -8.37
CA PRO E 42 -35.38 -22.06 -7.18
C PRO E 42 -34.42 -21.86 -6.01
N LYS E 43 -34.84 -22.23 -4.80
CA LYS E 43 -33.98 -22.08 -3.63
C LYS E 43 -32.61 -22.72 -3.79
N VAL E 44 -32.58 -23.94 -4.29
CA VAL E 44 -31.30 -24.63 -4.43
C VAL E 44 -30.34 -23.96 -5.42
N VAL E 45 -30.89 -23.32 -6.45
CA VAL E 45 -30.04 -22.64 -7.41
C VAL E 45 -29.50 -21.35 -6.77
N ILE E 46 -30.30 -20.70 -5.93
CA ILE E 46 -29.80 -19.50 -5.26
C ILE E 46 -28.64 -19.90 -4.36
N LEU E 47 -28.80 -21.00 -3.62
CA LEU E 47 -27.75 -21.46 -2.73
C LEU E 47 -26.46 -21.77 -3.49
N LYS E 48 -26.53 -22.68 -4.45
CA LYS E 48 -25.36 -23.08 -5.23
C LYS E 48 -24.65 -21.92 -5.93
N LYS E 49 -25.43 -20.99 -6.48
CA LYS E 49 -24.85 -19.86 -7.18
C LYS E 49 -24.31 -18.79 -6.23
N ALA E 50 -24.91 -18.66 -5.05
CA ALA E 50 -24.41 -17.68 -4.08
C ALA E 50 -23.05 -18.19 -3.65
N THR E 51 -22.95 -19.50 -3.48
CA THR E 51 -21.71 -20.14 -3.05
C THR E 51 -20.63 -19.95 -4.12
N ALA E 52 -20.98 -20.26 -5.36
CA ALA E 52 -20.04 -20.11 -6.47
C ALA E 52 -19.55 -18.66 -6.52
N TYR E 53 -20.49 -17.72 -6.45
CA TYR E 53 -20.14 -16.30 -6.52
C TYR E 53 -19.21 -15.86 -5.39
N ILE E 54 -19.46 -16.34 -4.18
CA ILE E 54 -18.62 -15.99 -3.03
C ILE E 54 -17.21 -16.50 -3.22
N LEU E 55 -17.07 -17.74 -3.67
CA LEU E 55 -15.75 -18.30 -3.90
C LEU E 55 -14.99 -17.49 -4.95
N SER E 56 -15.71 -16.98 -5.95
CA SER E 56 -15.05 -16.21 -7.00
C SER E 56 -14.57 -14.87 -6.46
N VAL E 57 -15.32 -14.29 -5.53
CA VAL E 57 -14.94 -13.01 -4.95
C VAL E 57 -13.71 -13.15 -4.05
N GLN E 58 -13.62 -14.27 -3.33
CA GLN E 58 -12.48 -14.48 -2.46
C GLN E 58 -11.21 -14.72 -3.29
N ALA E 59 -11.31 -15.58 -4.31
CA ALA E 59 -10.17 -15.84 -5.18
C ALA E 59 -9.79 -14.53 -5.86
N GLU E 60 -10.80 -13.74 -6.18
CA GLU E 60 -10.62 -12.45 -6.83
C GLU E 60 -9.85 -11.49 -5.93
N GLU E 61 -9.97 -11.66 -4.62
CA GLU E 61 -9.27 -10.80 -3.68
C GLU E 61 -7.81 -11.24 -3.60
N GLN E 62 -7.60 -12.56 -3.62
CA GLN E 62 -6.26 -13.11 -3.56
C GLN E 62 -5.44 -12.65 -4.77
N LYS E 63 -6.11 -12.45 -5.89
CA LYS E 63 -5.42 -12.01 -7.09
C LYS E 63 -5.08 -10.52 -6.98
N LEU E 64 -6.03 -9.73 -6.47
CA LEU E 64 -5.84 -8.30 -6.31
C LEU E 64 -4.76 -7.97 -5.30
N ILE E 65 -4.65 -8.80 -4.26
CA ILE E 65 -3.63 -8.58 -3.25
C ILE E 65 -2.25 -8.91 -3.83
N SER E 66 -2.20 -9.92 -4.68
CA SER E 66 -0.95 -10.32 -5.31
C SER E 66 -0.49 -9.23 -6.27
N GLU E 67 -1.44 -8.62 -6.98
CA GLU E 67 -1.13 -7.57 -7.94
C GLU E 67 -0.64 -6.29 -7.26
N GLU E 68 -1.34 -5.86 -6.21
CA GLU E 68 -0.95 -4.64 -5.48
C GLU E 68 0.45 -4.79 -4.90
N ASP E 69 0.75 -5.98 -4.39
CA ASP E 69 2.07 -6.25 -3.82
C ASP E 69 3.14 -6.10 -4.89
N LEU E 70 2.83 -6.57 -6.10
CA LEU E 70 3.73 -6.49 -7.24
C LEU E 70 3.92 -5.05 -7.70
N LEU E 71 2.82 -4.31 -7.79
CA LEU E 71 2.87 -2.92 -8.21
C LEU E 71 3.69 -2.10 -7.23
N ARG E 72 3.55 -2.39 -5.94
CA ARG E 72 4.30 -1.67 -4.92
C ARG E 72 5.80 -1.91 -5.05
N LYS E 73 6.20 -3.16 -5.16
CA LYS E 73 7.62 -3.46 -5.31
C LYS E 73 8.12 -2.82 -6.59
N ARG E 74 7.26 -2.74 -7.60
CA ARG E 74 7.63 -2.14 -8.88
C ARG E 74 7.88 -0.66 -8.71
N ARG E 75 6.99 0.01 -7.98
CA ARG E 75 7.11 1.44 -7.74
C ARG E 75 8.46 1.79 -7.10
N GLU E 76 8.77 1.14 -5.98
CA GLU E 76 10.04 1.41 -5.30
C GLU E 76 11.21 1.16 -6.23
N GLN E 77 11.08 0.16 -7.11
CA GLN E 77 12.14 -0.15 -8.07
C GLN E 77 12.33 1.03 -9.02
N LEU E 78 11.22 1.57 -9.53
CA LEU E 78 11.29 2.71 -10.44
C LEU E 78 11.95 3.89 -9.74
N LYS E 79 11.58 4.12 -8.49
CA LYS E 79 12.18 5.23 -7.74
C LYS E 79 13.67 4.97 -7.55
N HIS E 80 14.02 3.72 -7.26
CA HIS E 80 15.42 3.35 -7.05
C HIS E 80 16.23 3.65 -8.31
N LYS E 81 15.60 3.47 -9.48
CA LYS E 81 16.23 3.73 -10.76
C LYS E 81 16.46 5.22 -10.96
N LEU E 82 15.47 6.02 -10.59
CA LEU E 82 15.56 7.48 -10.73
C LEU E 82 16.74 8.01 -9.94
N GLU E 83 16.94 7.47 -8.74
CA GLU E 83 18.03 7.88 -7.86
C GLU E 83 19.40 7.55 -8.44
N GLN E 84 19.48 6.45 -9.18
CA GLN E 84 20.74 6.02 -9.77
C GLN E 84 21.08 6.88 -10.99
N LEU E 85 20.05 7.25 -11.75
CA LEU E 85 20.23 8.05 -12.94
C LEU E 85 20.59 9.51 -12.67
N GLY E 86 20.08 10.05 -11.56
CA GLY E 86 20.36 11.44 -11.24
C GLY E 86 19.66 12.36 -12.25
N GLY E 87 19.67 13.66 -11.98
CA GLY E 87 19.03 14.61 -12.89
C GLY E 87 19.85 14.88 -14.14
N CYS E 88 19.30 15.68 -15.04
CA CYS E 88 19.98 16.01 -16.29
C CYS E 88 21.01 17.12 -16.07
N ASP F 1 -48.43 -46.31 -3.73
CA ASP F 1 -47.31 -46.72 -4.62
C ASP F 1 -46.53 -45.48 -5.04
N LYS F 2 -47.15 -44.68 -5.89
CA LYS F 2 -46.55 -43.45 -6.38
C LYS F 2 -46.48 -42.44 -5.23
N ARG F 3 -47.24 -42.70 -4.18
CA ARG F 3 -47.28 -41.82 -3.02
C ARG F 3 -45.97 -41.90 -2.23
N ALA F 4 -45.55 -43.13 -1.88
CA ALA F 4 -44.31 -43.31 -1.14
C ALA F 4 -43.11 -42.87 -1.97
N HIS F 5 -43.18 -43.07 -3.28
CA HIS F 5 -42.11 -42.66 -4.17
C HIS F 5 -42.00 -41.14 -4.16
N HIS F 6 -43.11 -40.46 -4.40
CA HIS F 6 -43.12 -38.99 -4.38
C HIS F 6 -42.53 -38.50 -3.06
N ASN F 7 -42.94 -39.12 -1.94
CA ASN F 7 -42.41 -38.69 -0.65
C ASN F 7 -40.89 -38.84 -0.58
N ALA F 8 -40.35 -39.92 -1.15
CA ALA F 8 -38.91 -40.13 -1.14
C ALA F 8 -38.17 -39.11 -2.02
N LEU F 9 -38.76 -38.77 -3.16
CA LEU F 9 -38.15 -37.79 -4.04
C LEU F 9 -38.11 -36.42 -3.38
N GLU F 10 -39.17 -36.08 -2.64
CA GLU F 10 -39.23 -34.79 -1.96
C GLU F 10 -38.21 -34.75 -0.83
N ARG F 11 -38.07 -35.86 -0.09
CA ARG F 11 -37.08 -35.88 0.97
C ARG F 11 -35.68 -35.71 0.36
N LYS F 12 -35.43 -36.36 -0.78
CA LYS F 12 -34.13 -36.25 -1.43
C LYS F 12 -33.86 -34.80 -1.87
N ARG F 13 -34.89 -34.17 -2.41
CA ARG F 13 -34.78 -32.79 -2.86
C ARG F 13 -34.41 -31.89 -1.69
N ARG F 14 -35.07 -32.08 -0.54
CA ARG F 14 -34.80 -31.25 0.64
C ARG F 14 -33.37 -31.51 1.13
N ASP F 15 -32.93 -32.77 1.04
CA ASP F 15 -31.58 -33.14 1.47
C ASP F 15 -30.54 -32.37 0.64
N HIS F 16 -30.76 -32.28 -0.67
CA HIS F 16 -29.83 -31.53 -1.51
C HIS F 16 -29.77 -30.08 -1.06
N ILE F 17 -30.91 -29.53 -0.67
CA ILE F 17 -30.93 -28.15 -0.21
C ILE F 17 -30.17 -28.03 1.11
N LYS F 18 -30.26 -29.07 1.95
CA LYS F 18 -29.55 -29.09 3.22
C LYS F 18 -28.03 -29.06 2.98
N ASP F 19 -27.57 -29.87 2.03
CA ASP F 19 -26.16 -29.93 1.67
C ASP F 19 -25.72 -28.57 1.14
N SER F 20 -26.57 -27.97 0.32
CA SER F 20 -26.22 -26.68 -0.26
C SER F 20 -26.10 -25.60 0.79
N PHE F 21 -26.94 -25.66 1.83
CA PHE F 21 -26.86 -24.66 2.89
C PHE F 21 -25.51 -24.82 3.58
N HIS F 22 -25.13 -26.07 3.82
CA HIS F 22 -23.86 -26.36 4.49
C HIS F 22 -22.65 -25.85 3.69
N SER F 23 -22.71 -25.99 2.36
CA SER F 23 -21.62 -25.52 1.52
C SER F 23 -21.56 -23.99 1.49
N LEU F 24 -22.73 -23.36 1.61
CA LEU F 24 -22.82 -21.89 1.63
C LEU F 24 -22.22 -21.42 2.96
N ARG F 25 -22.67 -22.05 4.04
CA ARG F 25 -22.20 -21.77 5.39
C ARG F 25 -20.67 -21.83 5.43
N ASP F 26 -20.11 -22.84 4.77
CA ASP F 26 -18.66 -23.00 4.74
C ASP F 26 -17.95 -21.89 3.96
N SER F 27 -18.68 -21.14 3.16
CA SER F 27 -18.06 -20.08 2.36
C SER F 27 -17.95 -18.72 3.02
N VAL F 28 -18.71 -18.50 4.08
CA VAL F 28 -18.68 -17.22 4.79
C VAL F 28 -17.84 -17.31 6.06
N PRO F 29 -16.71 -16.59 6.11
CA PRO F 29 -15.79 -16.58 7.26
C PRO F 29 -16.48 -16.56 8.63
N SER F 30 -17.43 -15.66 8.80
CA SER F 30 -18.14 -15.54 10.08
C SER F 30 -19.02 -16.72 10.48
N LEU F 31 -19.34 -17.60 9.53
CA LEU F 31 -20.19 -18.74 9.85
C LEU F 31 -19.40 -20.04 9.97
N GLN F 32 -18.17 -20.03 9.49
CA GLN F 32 -17.33 -21.22 9.53
C GLN F 32 -17.15 -21.76 10.96
N GLY F 33 -17.39 -23.05 11.11
CA GLY F 33 -17.25 -23.68 12.42
C GLY F 33 -18.18 -23.09 13.46
N GLU F 34 -19.29 -22.52 13.03
CA GLU F 34 -20.26 -21.91 13.94
C GLU F 34 -21.65 -22.52 13.78
N LYS F 35 -22.57 -22.13 14.66
CA LYS F 35 -23.95 -22.61 14.60
C LYS F 35 -24.83 -21.46 14.14
N ALA F 36 -25.65 -21.69 13.11
CA ALA F 36 -26.54 -20.67 12.58
C ALA F 36 -27.76 -21.29 11.91
N SER F 37 -28.91 -20.60 12.01
CA SER F 37 -30.14 -21.07 11.40
C SER F 37 -30.00 -20.79 9.91
N ARG F 38 -30.94 -21.28 9.12
CA ARG F 38 -30.90 -21.05 7.69
C ARG F 38 -31.13 -19.58 7.37
N ALA F 39 -31.94 -18.92 8.19
CA ALA F 39 -32.21 -17.51 7.97
C ALA F 39 -30.91 -16.73 8.19
N GLN F 40 -30.19 -17.07 9.25
CA GLN F 40 -28.94 -16.36 9.55
C GLN F 40 -27.92 -16.63 8.44
N ILE F 41 -27.91 -17.85 7.91
CA ILE F 41 -26.94 -18.17 6.87
C ILE F 41 -27.17 -17.33 5.61
N LEU F 42 -28.44 -17.22 5.21
CA LEU F 42 -28.77 -16.42 4.03
C LEU F 42 -28.43 -14.95 4.30
N ASP F 43 -28.86 -14.44 5.47
CA ASP F 43 -28.61 -13.05 5.80
C ASP F 43 -27.12 -12.69 5.90
N LYS F 44 -26.34 -13.55 6.52
CA LYS F 44 -24.92 -13.29 6.66
C LYS F 44 -24.22 -13.42 5.30
N ALA F 45 -24.68 -14.34 4.47
CA ALA F 45 -24.09 -14.50 3.15
C ALA F 45 -24.31 -13.21 2.36
N THR F 46 -25.53 -12.67 2.46
CA THR F 46 -25.88 -11.44 1.77
C THR F 46 -25.02 -10.27 2.24
N GLU F 47 -24.90 -10.09 3.55
CA GLU F 47 -24.09 -8.97 4.04
C GLU F 47 -22.62 -9.14 3.65
N TYR F 48 -22.13 -10.37 3.67
CA TYR F 48 -20.74 -10.65 3.33
C TYR F 48 -20.46 -10.38 1.84
N ILE F 49 -21.44 -10.59 0.98
CA ILE F 49 -21.24 -10.35 -0.44
C ILE F 49 -21.17 -8.85 -0.73
N GLN F 50 -21.98 -8.07 -0.02
CA GLN F 50 -21.95 -6.62 -0.22
C GLN F 50 -20.60 -6.13 0.28
N TYR F 51 -20.25 -6.55 1.49
CA TYR F 51 -18.98 -6.18 2.10
C TYR F 51 -17.77 -6.51 1.20
N MET F 52 -17.75 -7.71 0.64
CA MET F 52 -16.65 -8.12 -0.23
C MET F 52 -16.57 -7.35 -1.55
N ARG F 53 -17.72 -6.99 -2.10
CA ARG F 53 -17.72 -6.26 -3.35
C ARG F 53 -17.22 -4.84 -3.15
N ARG F 54 -17.36 -4.30 -1.94
CA ARG F 54 -16.90 -2.95 -1.64
C ARG F 54 -15.44 -3.03 -1.20
N LYS F 55 -15.01 -4.22 -0.76
CA LYS F 55 -13.64 -4.41 -0.33
C LYS F 55 -12.72 -4.56 -1.55
N ASN F 56 -13.17 -5.36 -2.52
CA ASN F 56 -12.37 -5.57 -3.72
C ASN F 56 -12.36 -4.31 -4.57
N HIS F 57 -13.47 -3.59 -4.59
CA HIS F 57 -13.55 -2.35 -5.35
C HIS F 57 -12.48 -1.40 -4.84
N THR F 58 -12.30 -1.37 -3.52
CA THR F 58 -11.29 -0.52 -2.90
C THR F 58 -9.89 -1.04 -3.26
N HIS F 59 -9.78 -2.36 -3.42
CA HIS F 59 -8.52 -2.98 -3.77
C HIS F 59 -8.10 -2.53 -5.17
N GLN F 60 -9.05 -2.57 -6.10
CA GLN F 60 -8.81 -2.17 -7.48
C GLN F 60 -8.49 -0.68 -7.51
N GLN F 61 -9.16 0.08 -6.65
CA GLN F 61 -8.97 1.51 -6.55
C GLN F 61 -7.52 1.85 -6.16
N ASP F 62 -6.97 1.08 -5.24
CA ASP F 62 -5.58 1.28 -4.80
C ASP F 62 -4.63 0.82 -5.89
N ILE F 63 -5.04 -0.22 -6.63
CA ILE F 63 -4.22 -0.77 -7.71
C ILE F 63 -4.08 0.20 -8.87
N ASP F 64 -5.20 0.80 -9.29
CA ASP F 64 -5.17 1.73 -10.40
C ASP F 64 -4.35 2.96 -10.06
N ASP F 65 -4.36 3.35 -8.79
CA ASP F 65 -3.57 4.51 -8.38
C ASP F 65 -2.11 4.18 -8.58
N LEU F 66 -1.69 3.02 -8.07
CA LEU F 66 -0.31 2.58 -8.23
C LEU F 66 -0.01 2.51 -9.72
N LYS F 67 -1.00 2.11 -10.50
CA LYS F 67 -0.84 2.01 -11.94
C LYS F 67 -0.50 3.37 -12.54
N ARG F 68 -1.19 4.41 -12.09
CA ARG F 68 -0.94 5.76 -12.59
C ARG F 68 0.43 6.25 -12.12
N GLN F 69 0.84 5.81 -10.93
CA GLN F 69 2.12 6.21 -10.38
C GLN F 69 3.29 5.60 -11.14
N ASN F 70 3.24 4.29 -11.37
CA ASN F 70 4.31 3.60 -12.08
C ASN F 70 4.44 4.07 -13.52
N ALA F 71 3.32 4.43 -14.14
CA ALA F 71 3.35 4.89 -15.53
C ALA F 71 4.11 6.21 -15.63
N LEU F 72 3.89 7.11 -14.67
CA LEU F 72 4.57 8.41 -14.65
C LEU F 72 6.06 8.20 -14.41
N LEU F 73 6.38 7.40 -13.39
CA LEU F 73 7.77 7.12 -13.07
C LEU F 73 8.47 6.56 -14.30
N GLU F 74 7.79 5.69 -15.03
CA GLU F 74 8.32 5.09 -16.25
C GLU F 74 8.64 6.21 -17.24
N GLN F 75 7.81 7.26 -17.23
CA GLN F 75 8.02 8.38 -18.13
C GLN F 75 9.33 9.08 -17.76
N GLN F 76 9.50 9.34 -16.47
CA GLN F 76 10.71 10.00 -15.96
C GLN F 76 11.96 9.20 -16.29
N VAL F 77 11.99 7.94 -15.88
CA VAL F 77 13.13 7.08 -16.14
C VAL F 77 13.50 7.12 -17.60
N ARG F 78 12.49 7.27 -18.46
CA ARG F 78 12.68 7.34 -19.90
C ARG F 78 13.45 8.62 -20.20
N ALA F 79 12.81 9.75 -19.92
CA ALA F 79 13.38 11.07 -20.15
C ALA F 79 14.42 11.44 -19.09
N LEU F 80 15.36 10.53 -18.85
CA LEU F 80 16.41 10.76 -17.86
C LEU F 80 17.55 9.80 -18.14
N GLY F 81 18.77 10.18 -17.79
CA GLY F 81 19.92 9.32 -18.02
C GLY F 81 21.24 10.07 -18.08
N GLY F 82 21.89 10.00 -19.23
CA GLY F 82 23.17 10.68 -19.40
C GLY F 82 23.07 11.79 -20.44
N CYS F 83 22.01 12.59 -20.33
CA CYS F 83 21.75 13.70 -21.25
C CYS F 83 23.02 14.49 -21.56
N MET G 3 51.44 35.93 -24.24
CA MET G 3 51.40 35.23 -22.92
C MET G 3 50.52 35.97 -21.92
N ASN G 4 50.65 37.30 -21.90
CA ASN G 4 49.88 38.12 -20.98
C ASN G 4 48.37 37.95 -21.20
N VAL G 5 47.98 37.82 -22.47
CA VAL G 5 46.59 37.64 -22.84
C VAL G 5 46.04 36.35 -22.23
N LYS G 6 46.72 35.24 -22.51
CA LYS G 6 46.32 33.93 -22.00
C LYS G 6 46.23 33.98 -20.48
N ARG G 7 47.23 34.59 -19.86
CA ARG G 7 47.30 34.71 -18.41
C ARG G 7 46.06 35.41 -17.85
N ARG G 8 45.66 36.49 -18.50
CA ARG G 8 44.49 37.25 -18.05
C ARG G 8 43.23 36.40 -18.23
N THR G 9 43.11 35.75 -19.38
CA THR G 9 41.95 34.91 -19.64
C THR G 9 41.89 33.79 -18.60
N HIS G 10 43.04 33.24 -18.26
CA HIS G 10 43.13 32.17 -17.27
C HIS G 10 42.65 32.64 -15.89
N ASN G 11 43.07 33.82 -15.47
CA ASN G 11 42.68 34.35 -14.16
C ASN G 11 41.17 34.58 -14.07
N VAL G 12 40.60 35.11 -15.14
CA VAL G 12 39.16 35.39 -15.17
C VAL G 12 38.32 34.12 -15.16
N LEU G 13 38.70 33.14 -15.98
CA LEU G 13 37.94 31.89 -16.02
C LEU G 13 38.02 31.18 -14.68
N GLU G 14 39.22 31.18 -14.09
CA GLU G 14 39.41 30.52 -12.80
C GLU G 14 38.58 31.22 -11.74
N ARG G 15 38.51 32.55 -11.80
CA ARG G 15 37.71 33.28 -10.82
C ARG G 15 36.24 32.93 -10.98
N GLN G 16 35.77 32.78 -12.22
CA GLN G 16 34.37 32.44 -12.44
C GLN G 16 34.14 31.03 -11.92
N ARG G 17 35.12 30.15 -12.14
CA ARG G 17 34.99 28.78 -11.66
C ARG G 17 34.80 28.76 -10.13
N ARG G 18 35.66 29.50 -9.42
CA ARG G 18 35.57 29.54 -7.97
C ARG G 18 34.23 30.10 -7.51
N ASN G 19 33.74 31.12 -8.21
CA ASN G 19 32.47 31.73 -7.86
C ASN G 19 31.27 30.81 -8.10
N GLU G 20 31.36 29.98 -9.11
CA GLU G 20 30.30 29.02 -9.40
C GLU G 20 30.30 27.95 -8.30
N LEU G 21 31.50 27.59 -7.86
CA LEU G 21 31.67 26.58 -6.81
C LEU G 21 31.09 27.15 -5.52
N LYS G 22 31.29 28.44 -5.32
CA LYS G 22 30.79 29.11 -4.14
C LYS G 22 29.26 29.04 -4.13
N ARG G 23 28.64 29.25 -5.28
CA ARG G 23 27.19 29.21 -5.37
C ARG G 23 26.69 27.80 -5.12
N SER G 24 27.44 26.82 -5.59
CA SER G 24 27.06 25.43 -5.39
C SER G 24 27.15 25.08 -3.91
N PHE G 25 28.19 25.56 -3.23
CA PHE G 25 28.31 25.29 -1.80
C PHE G 25 27.12 25.88 -1.08
N PHE G 26 26.74 27.10 -1.46
CA PHE G 26 25.60 27.76 -0.83
C PHE G 26 24.31 26.95 -0.98
N ALA G 27 24.06 26.45 -2.19
CA ALA G 27 22.87 25.68 -2.46
C ALA G 27 22.82 24.41 -1.61
N LEU G 28 23.96 23.76 -1.47
CA LEU G 28 24.05 22.53 -0.67
C LEU G 28 23.82 22.86 0.80
N ARG G 29 24.51 23.89 1.29
CA ARG G 29 24.37 24.29 2.67
C ARG G 29 22.91 24.54 3.05
N ASP G 30 22.19 25.22 2.17
CA ASP G 30 20.78 25.54 2.43
C ASP G 30 19.83 24.34 2.52
N GLN G 31 20.28 23.17 2.10
CA GLN G 31 19.43 21.99 2.15
C GLN G 31 19.77 21.07 3.33
N ILE G 32 20.73 21.50 4.15
CA ILE G 32 21.15 20.75 5.32
C ILE G 32 20.49 21.38 6.54
N PRO G 33 19.40 20.79 7.05
CA PRO G 33 18.72 21.37 8.22
C PRO G 33 19.64 21.76 9.37
N GLU G 34 20.60 20.90 9.68
CA GLU G 34 21.53 21.14 10.76
C GLU G 34 22.19 22.53 10.70
N LEU G 35 22.43 23.02 9.50
CA LEU G 35 23.10 24.31 9.32
C LEU G 35 22.16 25.52 9.32
N GLU G 36 20.90 25.29 9.67
CA GLU G 36 19.91 26.34 9.71
C GLU G 36 20.32 27.47 10.64
N ASN G 37 20.56 27.14 11.90
CA ASN G 37 20.98 28.11 12.90
C ASN G 37 22.49 28.13 12.96
N ASN G 38 23.12 28.25 11.79
CA ASN G 38 24.57 28.25 11.68
C ASN G 38 25.11 29.66 11.41
N GLU G 39 25.87 30.19 12.35
CA GLU G 39 26.45 31.52 12.21
C GLU G 39 27.34 31.57 10.97
N LYS G 40 28.18 30.56 10.80
CA LYS G 40 29.07 30.47 9.65
C LYS G 40 29.24 29.00 9.30
N ALA G 41 29.45 28.70 8.01
CA ALA G 41 29.61 27.31 7.62
C ALA G 41 30.75 27.14 6.63
N PRO G 42 31.95 26.83 7.13
CA PRO G 42 33.10 26.65 6.23
C PRO G 42 32.78 25.57 5.19
N LYS G 43 33.51 25.54 4.08
CA LYS G 43 33.27 24.53 3.06
C LYS G 43 33.40 23.12 3.63
N VAL G 44 34.43 22.90 4.44
CA VAL G 44 34.66 21.57 4.99
C VAL G 44 33.51 21.08 5.88
N VAL G 45 32.89 22.01 6.61
CA VAL G 45 31.76 21.72 7.47
C VAL G 45 30.53 21.36 6.62
N ILE G 46 30.33 22.10 5.52
CA ILE G 46 29.21 21.83 4.62
C ILE G 46 29.35 20.41 4.03
N LEU G 47 30.55 20.04 3.62
CA LEU G 47 30.76 18.71 3.05
C LEU G 47 30.50 17.63 4.08
N LYS G 48 31.06 17.80 5.27
CA LYS G 48 30.91 16.80 6.33
C LYS G 48 29.48 16.65 6.80
N LYS G 49 28.76 17.77 6.92
CA LYS G 49 27.39 17.72 7.38
C LYS G 49 26.41 17.27 6.30
N ALA G 50 26.79 17.43 5.04
CA ALA G 50 25.94 16.98 3.95
C ALA G 50 26.05 15.46 3.91
N THR G 51 27.26 14.96 4.11
CA THR G 51 27.50 13.52 4.08
C THR G 51 26.76 12.83 5.23
N ALA G 52 26.89 13.37 6.45
CA ALA G 52 26.22 12.79 7.61
C ALA G 52 24.70 12.84 7.43
N TYR G 53 24.20 13.90 6.82
CA TYR G 53 22.75 14.02 6.60
C TYR G 53 22.28 12.97 5.59
N ILE G 54 23.05 12.79 4.52
CA ILE G 54 22.68 11.80 3.51
C ILE G 54 22.64 10.43 4.16
N LEU G 55 23.66 10.11 4.96
CA LEU G 55 23.67 8.81 5.63
C LEU G 55 22.44 8.71 6.54
N SER G 56 22.04 9.83 7.14
CA SER G 56 20.88 9.81 8.03
C SER G 56 19.55 9.63 7.29
N VAL G 57 19.40 10.20 6.09
CA VAL G 57 18.14 10.03 5.37
C VAL G 57 18.02 8.65 4.73
N GLN G 58 19.16 8.04 4.40
CA GLN G 58 19.15 6.71 3.80
C GLN G 58 18.74 5.72 4.89
N ALA G 59 19.22 5.98 6.10
CA ALA G 59 18.90 5.12 7.25
C ALA G 59 17.42 5.27 7.62
N GLU G 60 16.93 6.51 7.56
CA GLU G 60 15.54 6.78 7.88
C GLU G 60 14.68 6.01 6.89
N GLU G 61 15.03 6.10 5.61
CA GLU G 61 14.24 5.40 4.60
C GLU G 61 14.10 3.92 4.97
N GLN G 62 15.21 3.31 5.38
CA GLN G 62 15.20 1.90 5.76
C GLN G 62 14.23 1.68 6.91
N LYS G 63 14.31 2.54 7.92
CA LYS G 63 13.45 2.44 9.08
C LYS G 63 11.97 2.59 8.70
N LEU G 64 11.69 3.49 7.76
CA LEU G 64 10.32 3.73 7.32
C LEU G 64 9.82 2.64 6.39
N ILE G 65 10.71 2.03 5.62
CA ILE G 65 10.29 0.96 4.73
C ILE G 65 9.81 -0.22 5.59
N SER G 66 10.57 -0.49 6.65
CA SER G 66 10.23 -1.58 7.55
C SER G 66 8.97 -1.29 8.35
N GLU G 67 8.85 -0.08 8.86
CA GLU G 67 7.68 0.28 9.65
C GLU G 67 6.42 0.16 8.80
N GLU G 68 6.46 0.65 7.57
CA GLU G 68 5.29 0.58 6.69
C GLU G 68 4.94 -0.88 6.38
N ASP G 69 5.95 -1.72 6.17
CA ASP G 69 5.69 -3.12 5.89
C ASP G 69 4.92 -3.75 7.03
N LEU G 70 5.38 -3.52 8.26
CA LEU G 70 4.73 -4.07 9.45
C LEU G 70 3.31 -3.52 9.61
N LEU G 71 3.12 -2.25 9.30
CA LEU G 71 1.80 -1.66 9.42
C LEU G 71 0.79 -2.24 8.43
N ARG G 72 1.21 -2.45 7.18
CA ARG G 72 0.30 -3.01 6.20
C ARG G 72 -0.07 -4.43 6.61
N LYS G 73 0.91 -5.17 7.11
CA LYS G 73 0.67 -6.53 7.57
C LYS G 73 -0.40 -6.50 8.66
N ARG G 74 -0.17 -5.65 9.65
CA ARG G 74 -1.08 -5.49 10.78
C ARG G 74 -2.48 -5.09 10.35
N ARG G 75 -2.58 -4.25 9.31
CA ARG G 75 -3.89 -3.84 8.83
C ARG G 75 -4.60 -5.05 8.23
N GLU G 76 -3.82 -5.91 7.57
CA GLU G 76 -4.37 -7.12 6.96
C GLU G 76 -4.87 -8.02 8.07
N GLN G 77 -4.07 -8.14 9.13
CA GLN G 77 -4.41 -8.97 10.29
C GLN G 77 -5.69 -8.48 10.95
N LEU G 78 -5.85 -7.17 11.05
CA LEU G 78 -7.03 -6.59 11.69
C LEU G 78 -8.30 -6.82 10.89
N LYS G 79 -8.24 -6.55 9.58
CA LYS G 79 -9.40 -6.77 8.72
C LYS G 79 -9.79 -8.24 8.79
N HIS G 80 -8.78 -9.11 8.67
CA HIS G 80 -9.02 -10.54 8.74
C HIS G 80 -9.78 -10.87 10.02
N LYS G 81 -9.27 -10.35 11.14
CA LYS G 81 -9.88 -10.58 12.44
C LYS G 81 -11.34 -10.13 12.44
N LEU G 82 -11.62 -8.97 11.85
CA LEU G 82 -12.97 -8.46 11.79
C LEU G 82 -13.95 -9.32 10.99
N GLU G 83 -13.57 -9.74 9.78
CA GLU G 83 -14.48 -10.56 9.01
C GLU G 83 -14.68 -11.93 9.65
N GLN G 84 -13.72 -12.34 10.47
CA GLN G 84 -13.80 -13.62 11.16
C GLN G 84 -14.88 -13.56 12.24
N LEU G 85 -14.98 -12.41 12.92
CA LEU G 85 -15.98 -12.24 13.97
C LEU G 85 -17.38 -12.24 13.38
N ARG H 3 57.61 30.78 5.53
CA ARG H 3 56.31 30.54 4.83
C ARG H 3 56.02 29.04 4.68
N ALA H 4 57.07 28.24 4.68
CA ALA H 4 56.93 26.79 4.53
C ALA H 4 55.89 26.18 5.46
N HIS H 5 55.89 26.63 6.71
CA HIS H 5 54.96 26.12 7.70
C HIS H 5 53.50 26.37 7.29
N HIS H 6 53.19 27.63 6.99
CA HIS H 6 51.84 28.00 6.59
C HIS H 6 51.44 27.20 5.36
N ASN H 7 52.38 26.99 4.45
CA ASN H 7 52.12 26.22 3.23
C ASN H 7 51.72 24.78 3.58
N ALA H 8 52.52 24.14 4.41
CA ALA H 8 52.24 22.75 4.83
C ALA H 8 50.85 22.64 5.43
N LEU H 9 50.48 23.57 6.30
CA LEU H 9 49.17 23.56 6.93
C LEU H 9 48.03 23.77 5.95
N GLU H 10 48.20 24.68 4.98
CA GLU H 10 47.17 24.91 3.98
C GLU H 10 47.00 23.64 3.14
N ARG H 11 48.11 23.00 2.83
CA ARG H 11 48.13 21.76 2.06
C ARG H 11 47.31 20.68 2.78
N LYS H 12 47.51 20.56 4.08
CA LYS H 12 46.78 19.58 4.88
C LYS H 12 45.28 19.93 4.93
N ARG H 13 44.98 21.22 5.06
CA ARG H 13 43.58 21.64 5.12
C ARG H 13 42.89 21.28 3.80
N ARG H 14 43.57 21.52 2.69
CA ARG H 14 43.00 21.19 1.37
C ARG H 14 42.80 19.67 1.27
N ASP H 15 43.73 18.93 1.85
CA ASP H 15 43.65 17.48 1.82
C ASP H 15 42.42 16.97 2.58
N HIS H 16 42.05 17.65 3.64
CA HIS H 16 40.87 17.27 4.41
C HIS H 16 39.61 17.54 3.58
N ILE H 17 39.65 18.62 2.80
CA ILE H 17 38.52 18.98 1.95
C ILE H 17 38.41 17.98 0.82
N LYS H 18 39.54 17.55 0.27
CA LYS H 18 39.50 16.55 -0.79
C LYS H 18 38.89 15.24 -0.26
N ASP H 19 39.29 14.82 0.95
CA ASP H 19 38.74 13.60 1.52
C ASP H 19 37.24 13.72 1.74
N SER H 20 36.81 14.86 2.24
CA SER H 20 35.40 15.09 2.49
C SER H 20 34.60 15.09 1.20
N PHE H 21 35.19 15.62 0.14
CA PHE H 21 34.52 15.64 -1.16
C PHE H 21 34.29 14.20 -1.64
N HIS H 22 35.28 13.34 -1.44
CA HIS H 22 35.15 11.96 -1.86
C HIS H 22 34.15 11.21 -0.98
N SER H 23 34.12 11.55 0.29
CA SER H 23 33.19 10.91 1.20
C SER H 23 31.76 11.28 0.81
N LEU H 24 31.57 12.51 0.36
CA LEU H 24 30.23 12.97 -0.08
C LEU H 24 29.88 12.32 -1.40
N ARG H 25 30.84 12.34 -2.33
CA ARG H 25 30.64 11.76 -3.64
C ARG H 25 30.13 10.32 -3.58
N ASP H 26 30.82 9.51 -2.79
CA ASP H 26 30.48 8.10 -2.66
C ASP H 26 29.17 7.83 -1.92
N SER H 27 28.55 8.87 -1.37
CA SER H 27 27.30 8.68 -0.66
C SER H 27 26.11 8.97 -1.56
N VAL H 28 26.37 9.56 -2.73
CA VAL H 28 25.34 9.91 -3.70
C VAL H 28 25.22 8.86 -4.80
N PRO H 29 24.08 8.15 -4.85
CA PRO H 29 23.83 7.11 -5.85
C PRO H 29 24.09 7.48 -7.32
N SER H 30 23.68 8.67 -7.73
CA SER H 30 23.87 9.09 -9.12
C SER H 30 25.34 9.34 -9.50
N LEU H 31 26.22 9.41 -8.52
CA LEU H 31 27.64 9.66 -8.80
C LEU H 31 28.48 8.38 -8.79
N GLN H 32 27.88 7.26 -8.41
CA GLN H 32 28.58 5.98 -8.37
C GLN H 32 29.03 5.58 -9.76
N GLY H 33 30.26 5.10 -9.86
CA GLY H 33 30.80 4.69 -11.15
C GLY H 33 30.78 5.78 -12.20
N GLU H 34 31.17 6.99 -11.81
CA GLU H 34 31.19 8.12 -12.74
C GLU H 34 32.17 9.19 -12.27
N LYS H 35 32.91 9.77 -13.22
CA LYS H 35 33.87 10.83 -12.91
C LYS H 35 33.06 12.10 -12.69
N ALA H 36 33.19 12.68 -11.50
CA ALA H 36 32.44 13.89 -11.17
C ALA H 36 33.33 15.03 -10.69
N SER H 37 33.15 16.20 -11.28
CA SER H 37 33.93 17.37 -10.89
C SER H 37 33.43 17.79 -9.51
N ARG H 38 34.06 18.80 -8.91
CA ARG H 38 33.61 19.25 -7.59
C ARG H 38 32.24 19.88 -7.67
N ALA H 39 32.03 20.71 -8.69
CA ALA H 39 30.74 21.37 -8.87
C ALA H 39 29.65 20.29 -9.03
N GLN H 40 29.96 19.23 -9.76
CA GLN H 40 29.00 18.16 -9.97
C GLN H 40 28.69 17.42 -8.68
N ILE H 41 29.71 17.20 -7.85
CA ILE H 41 29.46 16.49 -6.61
C ILE H 41 28.50 17.31 -5.76
N LEU H 42 28.75 18.61 -5.67
CA LEU H 42 27.89 19.47 -4.86
C LEU H 42 26.49 19.56 -5.42
N ASP H 43 26.37 19.73 -6.73
CA ASP H 43 25.05 19.87 -7.33
C ASP H 43 24.23 18.58 -7.30
N LYS H 44 24.88 17.44 -7.48
CA LYS H 44 24.17 16.17 -7.45
C LYS H 44 23.80 15.82 -6.01
N ALA H 45 24.63 16.22 -5.05
CA ALA H 45 24.33 15.96 -3.64
C ALA H 45 23.10 16.75 -3.23
N THR H 46 23.07 18.02 -3.61
CA THR H 46 21.95 18.91 -3.27
C THR H 46 20.64 18.35 -3.84
N GLU H 47 20.68 17.93 -5.09
CA GLU H 47 19.52 17.36 -5.76
C GLU H 47 19.05 16.10 -5.02
N TYR H 48 19.99 15.21 -4.71
CA TYR H 48 19.66 13.96 -4.03
C TYR H 48 19.11 14.22 -2.61
N ILE H 49 19.68 15.19 -1.92
CA ILE H 49 19.21 15.51 -0.57
C ILE H 49 17.75 15.98 -0.61
N GLN H 50 17.42 16.89 -1.52
CA GLN H 50 16.04 17.37 -1.57
C GLN H 50 15.08 16.23 -1.93
N TYR H 51 15.51 15.40 -2.86
CA TYR H 51 14.72 14.26 -3.30
C TYR H 51 14.41 13.32 -2.13
N MET H 52 15.44 12.95 -1.38
CA MET H 52 15.29 12.03 -0.25
C MET H 52 14.46 12.60 0.89
N ARG H 53 14.63 13.88 1.17
CA ARG H 53 13.86 14.50 2.26
C ARG H 53 12.37 14.38 1.92
N ARG H 54 12.03 14.68 0.66
CA ARG H 54 10.65 14.63 0.22
C ARG H 54 10.15 13.20 0.15
N LYS H 55 11.00 12.28 -0.31
CA LYS H 55 10.61 10.88 -0.39
C LYS H 55 10.25 10.35 1.00
N ASN H 56 11.08 10.64 2.00
CA ASN H 56 10.80 10.19 3.36
C ASN H 56 9.56 10.94 3.88
N HIS H 57 9.40 12.20 3.46
CA HIS H 57 8.24 12.98 3.89
C HIS H 57 7.00 12.20 3.50
N THR H 58 6.95 11.76 2.24
CA THR H 58 5.85 10.97 1.71
C THR H 58 5.70 9.62 2.42
N HIS H 59 6.82 8.97 2.69
CA HIS H 59 6.78 7.68 3.39
C HIS H 59 6.07 7.91 4.72
N GLN H 60 6.49 8.95 5.44
CA GLN H 60 5.90 9.26 6.73
C GLN H 60 4.40 9.48 6.66
N GLN H 61 3.93 10.15 5.61
CA GLN H 61 2.50 10.38 5.50
C GLN H 61 1.76 9.07 5.24
N ASP H 62 2.34 8.18 4.44
CA ASP H 62 1.71 6.90 4.16
C ASP H 62 1.63 6.07 5.43
N ILE H 63 2.66 6.20 6.27
CA ILE H 63 2.73 5.48 7.54
C ILE H 63 1.70 6.02 8.53
N ASP H 64 1.58 7.35 8.61
CA ASP H 64 0.61 7.95 9.53
C ASP H 64 -0.80 7.54 9.09
N ASP H 65 -0.97 7.43 7.78
CA ASP H 65 -2.23 7.04 7.18
C ASP H 65 -2.59 5.65 7.71
N LEU H 66 -1.62 4.74 7.67
CA LEU H 66 -1.81 3.38 8.14
C LEU H 66 -2.09 3.33 9.64
N LYS H 67 -1.36 4.14 10.41
CA LYS H 67 -1.53 4.16 11.85
C LYS H 67 -2.95 4.58 12.24
N ARG H 68 -3.50 5.53 11.49
CA ARG H 68 -4.85 6.01 11.77
C ARG H 68 -5.88 4.99 11.33
N GLN H 69 -5.54 4.21 10.31
CA GLN H 69 -6.46 3.18 9.83
C GLN H 69 -6.47 2.01 10.82
N ASN H 70 -5.29 1.63 11.30
CA ASN H 70 -5.19 0.52 12.25
C ASN H 70 -5.85 0.86 13.57
N ALA H 71 -5.79 2.13 13.94
CA ALA H 71 -6.38 2.61 15.19
C ALA H 71 -7.90 2.49 15.15
N LEU H 72 -8.49 2.75 13.99
CA LEU H 72 -9.93 2.65 13.85
C LEU H 72 -10.34 1.18 13.77
N LEU H 73 -9.53 0.39 13.07
CA LEU H 73 -9.79 -1.04 12.94
C LEU H 73 -9.81 -1.67 14.33
N GLU H 74 -8.94 -1.17 15.22
CA GLU H 74 -8.89 -1.69 16.59
C GLU H 74 -10.12 -1.22 17.35
N GLN H 75 -10.65 -0.06 16.97
CA GLN H 75 -11.84 0.47 17.64
C GLN H 75 -13.05 -0.41 17.34
N GLN H 76 -13.16 -0.85 16.09
CA GLN H 76 -14.27 -1.69 15.68
C GLN H 76 -14.18 -3.04 16.39
N VAL H 77 -12.97 -3.59 16.44
CA VAL H 77 -12.77 -4.87 17.12
C VAL H 77 -13.19 -4.74 18.58
N ARG H 78 -12.65 -3.75 19.28
CA ARG H 78 -13.00 -3.52 20.68
C ARG H 78 -14.51 -3.43 20.84
N ALA H 79 -15.19 -3.09 19.74
CA ALA H 79 -16.64 -2.97 19.72
C ALA H 79 -17.20 -3.92 18.67
N LEU H 80 -17.14 -5.22 18.95
CA LEU H 80 -17.63 -6.23 18.02
C LEU H 80 -19.02 -5.90 17.48
N GLY H 81 -19.36 -6.50 16.35
CA GLY H 81 -20.65 -6.26 15.72
C GLY H 81 -21.87 -6.79 16.47
N GLY H 82 -21.71 -7.93 17.12
CA GLY H 82 -22.82 -8.52 17.87
C GLY H 82 -22.93 -10.01 17.68
N CYS H 83 -21.78 -10.69 17.60
CA CYS H 83 -21.73 -12.14 17.42
C CYS H 83 -22.40 -12.87 18.59
#